data_7RT4
#
_entry.id   7RT4
#
_cell.length_a   39.842
_cell.length_b   51.693
_cell.length_c   88.946
_cell.angle_alpha   90.000
_cell.angle_beta   90.000
_cell.angle_gamma   90.000
#
_symmetry.space_group_name_H-M   'P 21 21 21'
#
loop_
_entity.id
_entity.type
_entity.pdbx_description
1 polymer 'Isoform 2B of GTPase KRas'
2 non-polymer "GUANOSINE-5'-DIPHOSPHATE"
3 non-polymer 'MAGNESIUM ION'
4 non-polymer 7-(8-chloronaphthalen-1-yl)-8-fluoro-2-{[(2S)-1-methylpyrrolidin-2-yl]methoxy}-4-(piperazin-1-yl)pyrido[4,3-d]pyrimidine
5 non-polymer GLYCEROL
6 water water
#
_entity_poly.entity_id   1
_entity_poly.type   'polypeptide(L)'
_entity_poly.pdbx_seq_one_letter_code
;GMTEYKLVVVGADGVGKSALTIQLIQNHFVDEYDPTIEDSYRKQVVIDGETSLLDILDTAGQEEYSAMRDQYMRTGEGFL
LVFAINNTKSFEDIHHYREQIKRVKDSEDVPMVLVGNKSDLPSRTVDTKQAQDLARSYGIPFIETSAKTRQGVDDAFYTL
VREIRKHKEK
;
_entity_poly.pdbx_strand_id   A
#
loop_
_chem_comp.id
_chem_comp.type
_chem_comp.name
_chem_comp.formula
7IZ non-polymer 7-(8-chloronaphthalen-1-yl)-8-fluoro-2-{[(2S)-1-methylpyrrolidin-2-yl]methoxy}-4-(piperazin-1-yl)pyrido[4,3-d]pyrimidine 'C27 H28 Cl F N6 O'
GDP RNA linking GUANOSINE-5'-DIPHOSPHATE 'C10 H15 N5 O11 P2'
GOL non-polymer GLYCEROL 'C3 H8 O3'
MG non-polymer 'MAGNESIUM ION' 'Mg 2'
#
# COMPACT_ATOMS: atom_id res chain seq x y z
N GLY A 1 9.67 17.69 11.21
CA GLY A 1 9.23 18.06 9.87
C GLY A 1 7.88 18.73 9.85
N MET A 2 7.42 19.09 8.65
CA MET A 2 6.17 19.85 8.49
C MET A 2 4.92 18.97 8.55
N THR A 3 4.60 18.23 7.48
CA THR A 3 3.33 17.52 7.41
C THR A 3 3.51 16.02 7.71
N GLU A 4 2.65 15.48 8.57
CA GLU A 4 2.65 14.06 8.88
C GLU A 4 1.55 13.36 8.08
N TYR A 5 1.87 12.16 7.58
CA TYR A 5 0.96 11.35 6.78
C TYR A 5 0.87 9.95 7.37
N LYS A 6 -0.34 9.46 7.57
CA LYS A 6 -0.57 8.12 8.11
C LYS A 6 -0.90 7.20 6.94
N LEU A 7 0.08 6.43 6.50
CA LEU A 7 -0.10 5.54 5.38
C LEU A 7 -0.29 4.12 5.91
N VAL A 8 -1.12 3.33 5.24
CA VAL A 8 -1.38 1.95 5.66
C VAL A 8 -1.18 1.01 4.47
N VAL A 9 -0.40 -0.04 4.66
CA VAL A 9 -0.13 -1.01 3.60
C VAL A 9 -0.97 -2.25 3.84
N VAL A 10 -1.85 -2.58 2.91
CA VAL A 10 -2.76 -3.72 3.04
C VAL A 10 -2.63 -4.62 1.82
N GLY A 11 -3.13 -5.86 1.97
CA GLY A 11 -3.04 -6.85 0.94
C GLY A 11 -2.76 -8.22 1.51
N ALA A 12 -2.96 -9.25 0.69
CA ALA A 12 -2.85 -10.63 1.16
C ALA A 12 -1.47 -10.93 1.74
N ASP A 13 -1.42 -11.95 2.60
CA ASP A 13 -0.15 -12.49 3.07
C ASP A 13 0.75 -12.82 1.87
N GLY A 14 2.02 -12.43 1.96
CA GLY A 14 3.02 -12.84 0.98
C GLY A 14 3.19 -11.95 -0.25
N VAL A 15 2.38 -10.90 -0.40
CA VAL A 15 2.51 -10.05 -1.58
C VAL A 15 3.72 -9.12 -1.51
N GLY A 16 4.31 -8.92 -0.33
CA GLY A 16 5.47 -8.07 -0.17
C GLY A 16 5.26 -6.75 0.55
N LYS A 17 4.26 -6.68 1.44
CA LYS A 17 4.01 -5.42 2.16
C LYS A 17 5.19 -5.08 3.08
N SER A 18 5.72 -6.08 3.78
CA SER A 18 6.83 -5.81 4.69
C SER A 18 8.09 -5.45 3.90
N ALA A 19 8.36 -6.19 2.82
CA ALA A 19 9.54 -5.92 2.00
C ALA A 19 9.47 -4.55 1.34
N LEU A 20 8.29 -4.14 0.88
CA LEU A 20 8.12 -2.79 0.35
C LEU A 20 8.36 -1.75 1.44
N THR A 21 7.86 -2.01 2.65
CA THR A 21 8.02 -1.05 3.73
C THR A 21 9.49 -0.88 4.09
N ILE A 22 10.21 -1.99 4.25
CA ILE A 22 11.63 -1.92 4.61
C ILE A 22 12.45 -1.30 3.49
N GLN A 23 12.11 -1.59 2.22
CA GLN A 23 12.78 -0.93 1.11
C GLN A 23 12.65 0.59 1.20
N LEU A 24 11.43 1.08 1.42
CA LEU A 24 11.25 2.53 1.45
C LEU A 24 12.13 3.14 2.53
N ILE A 25 12.17 2.50 3.70
CA ILE A 25 12.77 3.04 4.90
C ILE A 25 14.28 2.84 4.92
N GLN A 26 14.74 1.65 4.53
CA GLN A 26 16.11 1.22 4.73
C GLN A 26 16.89 1.09 3.44
N ASN A 27 16.23 1.12 2.27
CA ASN A 27 16.86 0.89 0.97
C ASN A 27 17.61 -0.45 0.94
N HIS A 28 16.99 -1.47 1.54
N HIS A 28 16.96 -1.48 1.49
CA HIS A 28 17.51 -2.83 1.49
CA HIS A 28 17.51 -2.82 1.50
C HIS A 28 16.34 -3.78 1.31
C HIS A 28 16.38 -3.83 1.39
N PHE A 29 16.57 -4.86 0.59
CA PHE A 29 15.57 -5.91 0.40
C PHE A 29 15.70 -6.91 1.56
N VAL A 30 14.65 -7.06 2.37
CA VAL A 30 14.59 -8.12 3.37
C VAL A 30 13.81 -9.28 2.78
N ASP A 31 14.45 -10.45 2.66
CA ASP A 31 13.74 -11.53 2.00
C ASP A 31 12.93 -12.40 2.94
N GLU A 32 13.13 -12.31 4.26
CA GLU A 32 12.16 -12.93 5.16
C GLU A 32 11.98 -12.08 6.41
N TYR A 33 11.01 -11.19 6.34
CA TYR A 33 10.49 -10.48 7.50
C TYR A 33 9.37 -11.35 8.08
N ASP A 34 9.35 -11.48 9.40
CA ASP A 34 8.35 -12.29 10.10
C ASP A 34 6.96 -12.01 9.54
N PRO A 35 6.26 -13.01 8.99
CA PRO A 35 4.98 -12.73 8.32
C PRO A 35 3.86 -12.36 9.27
N THR A 36 4.01 -12.61 10.56
CA THR A 36 2.92 -12.33 11.49
C THR A 36 3.01 -10.96 12.12
N ILE A 37 4.12 -10.24 11.95
CA ILE A 37 4.38 -9.05 12.75
C ILE A 37 3.84 -7.83 12.01
N GLU A 38 2.97 -7.09 12.69
CA GLU A 38 2.44 -5.82 12.22
C GLU A 38 3.10 -4.70 13.01
N ASP A 39 3.55 -3.65 12.32
CA ASP A 39 4.29 -2.61 13.01
C ASP A 39 4.25 -1.38 12.13
N SER A 40 4.55 -0.23 12.73
CA SER A 40 4.62 1.01 11.98
C SER A 40 6.03 1.58 12.03
N TYR A 41 6.38 2.31 10.98
CA TYR A 41 7.70 2.87 10.75
C TYR A 41 7.54 4.31 10.30
N ARG A 42 8.58 5.10 10.49
CA ARG A 42 8.59 6.48 10.04
C ARG A 42 9.65 6.69 8.96
N LYS A 43 9.29 7.45 7.94
CA LYS A 43 10.20 7.93 6.92
C LYS A 43 10.01 9.43 6.79
N GLN A 44 11.09 10.18 6.91
CA GLN A 44 11.06 11.63 6.73
C GLN A 44 11.65 11.95 5.37
N VAL A 45 10.85 12.53 4.49
CA VAL A 45 11.21 12.75 3.10
C VAL A 45 10.72 14.12 2.67
N VAL A 46 11.39 14.66 1.65
CA VAL A 46 10.90 15.85 0.98
C VAL A 46 10.20 15.40 -0.29
N ILE A 47 8.92 15.71 -0.41
CA ILE A 47 8.14 15.33 -1.58
C ILE A 47 7.61 16.60 -2.21
N ASP A 48 8.07 16.89 -3.44
CA ASP A 48 7.66 18.10 -4.15
C ASP A 48 7.93 19.34 -3.31
N GLY A 49 9.07 19.35 -2.62
CA GLY A 49 9.46 20.48 -1.81
C GLY A 49 8.89 20.51 -0.41
N GLU A 50 7.91 19.65 -0.08
CA GLU A 50 7.33 19.60 1.25
C GLU A 50 8.01 18.53 2.10
N THR A 51 8.57 18.94 3.24
CA THR A 51 9.10 17.98 4.21
C THR A 51 7.97 17.13 4.78
N SER A 52 8.11 15.81 4.71
CA SER A 52 6.98 14.93 5.00
C SER A 52 7.39 13.88 6.01
N LEU A 53 6.58 13.71 7.07
CA LEU A 53 6.76 12.64 8.05
C LEU A 53 5.78 11.53 7.71
N LEU A 54 6.28 10.46 7.09
CA LEU A 54 5.44 9.35 6.66
C LEU A 54 5.43 8.31 7.76
N ASP A 55 4.27 8.04 8.33
CA ASP A 55 4.05 6.93 9.25
C ASP A 55 3.41 5.80 8.45
N ILE A 56 4.09 4.68 8.36
CA ILE A 56 3.67 3.57 7.52
C ILE A 56 3.31 2.39 8.42
N LEU A 57 2.05 1.98 8.37
CA LEU A 57 1.58 0.78 9.07
C LEU A 57 1.68 -0.41 8.10
N ASP A 58 2.59 -1.33 8.40
CA ASP A 58 2.73 -2.59 7.66
C ASP A 58 1.83 -3.64 8.31
N THR A 59 0.65 -3.87 7.72
CA THR A 59 -0.34 -4.72 8.39
C THR A 59 0.04 -6.20 8.28
N ALA A 60 -0.37 -6.96 9.29
CA ALA A 60 -0.05 -8.38 9.41
C ALA A 60 -0.89 -8.97 10.54
N GLY A 61 -0.73 -10.27 10.76
CA GLY A 61 -1.30 -10.89 11.93
C GLY A 61 -2.58 -11.64 11.65
N GLN A 62 -3.37 -11.83 12.70
N GLN A 62 -3.37 -11.83 12.70
CA GLN A 62 -4.62 -12.58 12.60
CA GLN A 62 -4.61 -12.56 12.58
C GLN A 62 -5.69 -11.74 11.90
C GLN A 62 -5.66 -11.73 11.86
N GLU A 63 -6.44 -12.37 10.99
CA GLU A 63 -7.57 -11.68 10.39
C GLU A 63 -8.67 -11.54 11.44
N GLU A 64 -9.00 -10.30 11.80
CA GLU A 64 -10.00 -10.09 12.83
C GLU A 64 -10.63 -8.73 12.61
N TYR A 65 -11.90 -8.63 12.98
CA TYR A 65 -12.68 -7.46 12.67
C TYR A 65 -13.30 -6.89 13.94
N SER A 66 -12.50 -6.77 15.00
CA SER A 66 -12.99 -6.16 16.23
C SER A 66 -13.23 -4.67 16.02
N ALA A 67 -14.10 -4.09 16.86
CA ALA A 67 -14.32 -2.65 16.79
C ALA A 67 -13.01 -1.90 16.97
N MET A 68 -12.12 -2.46 17.79
CA MET A 68 -10.84 -1.82 18.05
C MET A 68 -9.97 -1.78 16.79
N ARG A 69 -9.95 -2.88 16.03
CA ARG A 69 -9.16 -2.88 14.80
C ARG A 69 -9.71 -1.89 13.78
N ASP A 70 -11.05 -1.86 13.62
CA ASP A 70 -11.69 -0.87 12.75
C ASP A 70 -11.23 0.54 13.08
N GLN A 71 -11.15 0.87 14.37
CA GLN A 71 -10.81 2.24 14.76
C GLN A 71 -9.34 2.52 14.47
N TYR A 72 -8.48 1.53 14.66
CA TYR A 72 -7.07 1.66 14.31
C TYR A 72 -6.88 1.88 12.81
N MET A 73 -7.58 1.08 11.99
CA MET A 73 -7.51 1.28 10.54
C MET A 73 -8.10 2.62 10.13
N ARG A 74 -9.15 3.04 10.82
CA ARG A 74 -9.82 4.31 10.52
C ARG A 74 -8.87 5.49 10.61
N THR A 75 -7.78 5.37 11.39
CA THR A 75 -6.84 6.48 11.54
C THR A 75 -5.92 6.64 10.33
N GLY A 76 -5.85 5.66 9.43
CA GLY A 76 -5.03 5.81 8.24
C GLY A 76 -5.64 6.84 7.29
N GLU A 77 -4.78 7.65 6.68
CA GLU A 77 -5.21 8.68 5.74
C GLU A 77 -5.13 8.24 4.28
N GLY A 78 -4.36 7.20 3.98
CA GLY A 78 -4.22 6.72 2.63
C GLY A 78 -3.70 5.30 2.70
N PHE A 79 -4.07 4.49 1.70
CA PHE A 79 -3.82 3.06 1.74
C PHE A 79 -3.13 2.59 0.46
N LEU A 80 -2.14 1.70 0.60
CA LEU A 80 -1.62 0.98 -0.55
C LEU A 80 -2.35 -0.36 -0.63
N LEU A 81 -3.04 -0.59 -1.76
CA LEU A 81 -3.68 -1.86 -2.06
C LEU A 81 -2.66 -2.69 -2.83
N VAL A 82 -2.02 -3.64 -2.15
CA VAL A 82 -0.92 -4.41 -2.73
C VAL A 82 -1.40 -5.81 -3.09
N PHE A 83 -1.18 -6.20 -4.34
CA PHE A 83 -1.20 -7.58 -4.79
C PHE A 83 0.15 -7.89 -5.41
N ALA A 84 0.38 -9.17 -5.71
CA ALA A 84 1.61 -9.60 -6.37
C ALA A 84 1.28 -10.11 -7.76
N ILE A 85 2.09 -9.69 -8.74
CA ILE A 85 1.75 -9.97 -10.13
C ILE A 85 1.82 -11.44 -10.47
N ASN A 86 2.42 -12.26 -9.60
CA ASN A 86 2.50 -13.70 -9.80
C ASN A 86 1.46 -14.45 -8.98
N ASN A 87 0.47 -13.74 -8.42
CA ASN A 87 -0.50 -14.35 -7.51
C ASN A 87 -1.89 -13.78 -7.79
N THR A 88 -2.64 -14.49 -8.62
CA THR A 88 -4.01 -14.13 -8.98
C THR A 88 -4.92 -14.01 -7.75
N LYS A 89 -4.77 -14.90 -6.77
CA LYS A 89 -5.58 -14.79 -5.55
C LYS A 89 -5.39 -13.42 -4.88
N SER A 90 -4.15 -12.98 -4.77
CA SER A 90 -3.89 -11.69 -4.14
C SER A 90 -4.55 -10.57 -4.92
N PHE A 91 -4.66 -10.71 -6.24
CA PHE A 91 -5.37 -9.68 -7.03
C PHE A 91 -6.87 -9.77 -6.80
N GLU A 92 -7.40 -11.00 -6.73
CA GLU A 92 -8.83 -11.19 -6.47
C GLU A 92 -9.22 -10.69 -5.09
N ASP A 93 -8.28 -10.66 -4.14
CA ASP A 93 -8.57 -10.14 -2.81
C ASP A 93 -8.61 -8.62 -2.77
N ILE A 94 -8.16 -7.93 -3.83
CA ILE A 94 -8.07 -6.47 -3.77
C ILE A 94 -9.43 -5.84 -3.50
N HIS A 95 -10.50 -6.41 -4.07
CA HIS A 95 -11.83 -5.88 -3.83
C HIS A 95 -12.15 -5.86 -2.33
N HIS A 96 -11.85 -6.96 -1.63
CA HIS A 96 -12.10 -7.05 -0.19
C HIS A 96 -11.45 -5.88 0.55
N TYR A 97 -10.14 -5.64 0.31
CA TYR A 97 -9.42 -4.60 1.06
C TYR A 97 -9.95 -3.21 0.74
N ARG A 98 -10.25 -2.95 -0.52
CA ARG A 98 -10.86 -1.67 -0.85
C ARG A 98 -12.17 -1.48 -0.09
N GLU A 99 -13.00 -2.53 -0.01
CA GLU A 99 -14.29 -2.38 0.66
C GLU A 99 -14.15 -2.28 2.17
N GLN A 100 -13.16 -2.96 2.78
CA GLN A 100 -12.93 -2.77 4.21
C GLN A 100 -12.49 -1.34 4.52
N ILE A 101 -11.63 -0.77 3.68
CA ILE A 101 -11.22 0.62 3.88
C ILE A 101 -12.43 1.54 3.81
N LYS A 102 -13.23 1.39 2.76
CA LYS A 102 -14.43 2.21 2.61
C LYS A 102 -15.37 2.03 3.81
N ARG A 103 -15.49 0.80 4.33
CA ARG A 103 -16.39 0.53 5.44
C ARG A 103 -15.98 1.33 6.68
N VAL A 104 -14.72 1.20 7.10
CA VAL A 104 -14.32 1.86 8.33
C VAL A 104 -14.13 3.36 8.12
N LYS A 105 -13.73 3.79 6.92
CA LYS A 105 -13.65 5.22 6.63
C LYS A 105 -15.01 5.86 6.40
N ASP A 106 -16.05 5.05 6.18
CA ASP A 106 -17.40 5.54 5.90
C ASP A 106 -17.37 6.56 4.77
N SER A 107 -16.74 6.17 3.67
CA SER A 107 -16.60 7.08 2.54
C SER A 107 -16.18 6.29 1.31
N GLU A 108 -16.67 6.72 0.15
CA GLU A 108 -16.25 6.13 -1.11
C GLU A 108 -15.02 6.79 -1.71
N ASP A 109 -14.59 7.93 -1.17
CA ASP A 109 -13.38 8.60 -1.64
C ASP A 109 -12.35 8.63 -0.50
N VAL A 110 -11.53 7.58 -0.46
CA VAL A 110 -10.39 7.49 0.46
C VAL A 110 -9.14 7.46 -0.41
N PRO A 111 -8.09 8.21 -0.07
CA PRO A 111 -6.85 8.13 -0.87
C PRO A 111 -6.30 6.71 -0.89
N MET A 112 -6.11 6.17 -2.09
CA MET A 112 -5.62 4.80 -2.26
C MET A 112 -4.76 4.73 -3.51
N VAL A 113 -3.80 3.80 -3.51
CA VAL A 113 -3.04 3.47 -4.72
C VAL A 113 -3.03 1.96 -4.86
N LEU A 114 -3.15 1.47 -6.11
CA LEU A 114 -3.06 0.05 -6.41
C LEU A 114 -1.62 -0.28 -6.76
N VAL A 115 -1.06 -1.30 -6.10
CA VAL A 115 0.34 -1.67 -6.24
C VAL A 115 0.41 -3.11 -6.73
N GLY A 116 1.02 -3.30 -7.91
CA GLY A 116 1.39 -4.65 -8.32
C GLY A 116 2.85 -4.97 -8.04
N ASN A 117 3.13 -5.77 -7.03
CA ASN A 117 4.50 -5.99 -6.57
C ASN A 117 5.07 -7.27 -7.19
N LYS A 118 6.38 -7.45 -6.97
CA LYS A 118 7.16 -8.56 -7.55
C LYS A 118 7.25 -8.45 -9.07
N SER A 119 7.31 -7.21 -9.57
CA SER A 119 7.47 -6.95 -11.01
C SER A 119 8.77 -7.52 -11.57
N ASP A 120 9.73 -7.88 -10.71
CA ASP A 120 10.97 -8.49 -11.17
C ASP A 120 10.80 -9.96 -11.56
N LEU A 121 9.74 -10.59 -11.13
CA LEU A 121 9.57 -12.02 -11.34
C LEU A 121 9.06 -12.30 -12.75
N PRO A 122 9.57 -13.33 -13.42
CA PRO A 122 9.07 -13.67 -14.76
C PRO A 122 7.77 -14.45 -14.76
N SER A 123 7.35 -15.00 -13.62
CA SER A 123 6.19 -15.87 -13.56
C SER A 123 4.88 -15.11 -13.41
N ARG A 124 4.65 -14.09 -14.25
CA ARG A 124 3.45 -13.27 -14.16
C ARG A 124 2.18 -14.07 -14.42
N THR A 125 1.13 -13.84 -13.59
CA THR A 125 -0.19 -14.39 -13.87
C THR A 125 -1.29 -13.35 -13.92
N VAL A 126 -1.00 -12.09 -13.59
CA VAL A 126 -1.95 -10.99 -13.64
C VAL A 126 -1.45 -10.02 -14.71
N ASP A 127 -2.29 -9.73 -15.70
CA ASP A 127 -1.87 -8.81 -16.75
C ASP A 127 -1.84 -7.38 -16.24
N THR A 128 -0.85 -6.62 -16.71
CA THR A 128 -0.79 -5.19 -16.40
C THR A 128 -2.08 -4.50 -16.83
N LYS A 129 -2.67 -4.94 -17.94
N LYS A 129 -2.68 -4.93 -17.94
CA LYS A 129 -3.92 -4.33 -18.42
CA LYS A 129 -3.92 -4.32 -18.41
C LYS A 129 -5.05 -4.53 -17.42
C LYS A 129 -5.05 -4.52 -17.40
N GLN A 130 -5.19 -5.75 -16.90
CA GLN A 130 -6.22 -6.05 -15.90
C GLN A 130 -6.09 -5.13 -14.69
N ALA A 131 -4.87 -4.90 -14.22
CA ALA A 131 -4.68 -4.05 -13.06
C ALA A 131 -5.01 -2.60 -13.39
N GLN A 132 -4.61 -2.14 -14.58
CA GLN A 132 -4.94 -0.78 -15.00
C GLN A 132 -6.44 -0.58 -15.11
N ASP A 133 -7.15 -1.56 -15.68
CA ASP A 133 -8.61 -1.45 -15.78
C ASP A 133 -9.25 -1.36 -14.40
N LEU A 134 -8.80 -2.20 -13.47
CA LEU A 134 -9.35 -2.15 -12.11
C LEU A 134 -9.11 -0.80 -11.45
N ALA A 135 -7.86 -0.31 -11.52
CA ALA A 135 -7.54 0.97 -10.88
C ALA A 135 -8.31 2.12 -11.52
N ARG A 136 -8.51 2.05 -12.84
CA ARG A 136 -9.34 3.05 -13.51
C ARG A 136 -10.77 3.00 -12.98
N SER A 137 -11.33 1.80 -12.86
CA SER A 137 -12.66 1.67 -12.27
C SER A 137 -12.72 2.24 -10.85
N TYR A 138 -11.63 2.08 -10.07
CA TYR A 138 -11.58 2.63 -8.72
C TYR A 138 -11.31 4.13 -8.72
N GLY A 139 -10.82 4.68 -9.83
CA GLY A 139 -10.43 6.08 -9.84
C GLY A 139 -9.14 6.38 -9.09
N ILE A 140 -8.19 5.44 -9.10
CA ILE A 140 -6.94 5.57 -8.34
C ILE A 140 -5.77 5.24 -9.25
N PRO A 141 -4.57 5.68 -8.90
CA PRO A 141 -3.38 5.31 -9.69
C PRO A 141 -3.01 3.85 -9.50
N PHE A 142 -2.25 3.33 -10.47
CA PHE A 142 -1.67 2.00 -10.43
C PHE A 142 -0.17 2.09 -10.68
N ILE A 143 0.62 1.52 -9.75
CA ILE A 143 2.08 1.52 -9.85
C ILE A 143 2.58 0.08 -9.77
N GLU A 144 3.40 -0.33 -10.74
CA GLU A 144 4.12 -1.60 -10.66
C GLU A 144 5.38 -1.42 -9.80
N THR A 145 5.61 -2.34 -8.87
CA THR A 145 6.77 -2.24 -7.99
C THR A 145 7.51 -3.56 -7.92
N SER A 146 8.74 -3.47 -7.42
CA SER A 146 9.51 -4.64 -6.98
C SER A 146 10.26 -4.23 -5.72
N ALA A 147 9.91 -4.84 -4.59
CA ALA A 147 10.68 -4.59 -3.39
C ALA A 147 12.10 -5.14 -3.53
N LYS A 148 12.30 -6.09 -4.44
CA LYS A 148 13.63 -6.68 -4.61
C LYS A 148 14.59 -5.68 -5.25
N THR A 149 14.15 -5.01 -6.31
CA THR A 149 15.01 -4.09 -7.06
C THR A 149 14.79 -2.63 -6.69
N ARG A 150 13.74 -2.30 -5.92
CA ARG A 150 13.26 -0.96 -5.55
C ARG A 150 12.52 -0.27 -6.71
N GLN A 151 12.32 -0.94 -7.84
CA GLN A 151 11.49 -0.40 -8.90
C GLN A 151 10.15 0.07 -8.33
N GLY A 152 9.79 1.31 -8.65
CA GLY A 152 8.48 1.85 -8.35
C GLY A 152 8.19 2.09 -6.89
N VAL A 153 9.11 1.78 -5.96
CA VAL A 153 8.80 1.85 -4.53
C VAL A 153 8.54 3.30 -4.09
N ASP A 154 9.49 4.20 -4.39
CA ASP A 154 9.29 5.60 -4.04
C ASP A 154 8.04 6.15 -4.74
N ASP A 155 7.86 5.79 -6.02
CA ASP A 155 6.70 6.28 -6.76
C ASP A 155 5.40 5.90 -6.07
N ALA A 156 5.31 4.66 -5.56
CA ALA A 156 4.04 4.20 -4.97
C ALA A 156 3.70 5.01 -3.72
N PHE A 157 4.63 5.11 -2.78
CA PHE A 157 4.37 5.85 -1.54
C PHE A 157 4.21 7.35 -1.82
N TYR A 158 5.05 7.92 -2.68
CA TYR A 158 4.93 9.36 -2.96
C TYR A 158 3.63 9.65 -3.71
N THR A 159 3.25 8.78 -4.65
CA THR A 159 1.95 8.94 -5.30
C THR A 159 0.82 8.90 -4.28
N LEU A 160 0.95 8.08 -3.25
CA LEU A 160 -0.10 8.04 -2.23
C LEU A 160 -0.20 9.37 -1.48
N VAL A 161 0.94 9.94 -1.10
CA VAL A 161 0.94 11.28 -0.50
C VAL A 161 0.27 12.28 -1.43
N ARG A 162 0.57 12.20 -2.72
CA ARG A 162 -0.05 13.13 -3.66
C ARG A 162 -1.56 12.93 -3.74
N GLU A 163 -2.01 11.68 -3.61
CA GLU A 163 -3.45 11.40 -3.59
C GLU A 163 -4.11 11.96 -2.33
N ILE A 164 -3.40 11.91 -1.19
CA ILE A 164 -3.94 12.49 0.03
C ILE A 164 -4.03 14.00 -0.10
N ARG A 165 -3.02 14.62 -0.72
CA ARG A 165 -3.06 16.07 -0.93
C ARG A 165 -4.26 16.44 -1.78
N LYS A 166 -4.48 15.70 -2.86
CA LYS A 166 -5.63 15.93 -3.71
C LYS A 166 -6.93 15.82 -2.94
N HIS A 167 -7.05 14.77 -2.12
CA HIS A 167 -8.27 14.59 -1.32
C HIS A 167 -8.49 15.78 -0.40
N LYS A 168 -7.41 16.27 0.23
CA LYS A 168 -7.54 17.36 1.20
C LYS A 168 -8.05 18.64 0.56
N GLU A 169 -7.75 18.87 -0.73
CA GLU A 169 -8.15 20.10 -1.38
C GLU A 169 -9.52 20.02 -2.03
N LYS A 170 -10.16 18.85 -1.99
CA LYS A 170 -11.47 18.68 -2.59
C LYS A 170 -12.54 19.45 -1.83
PB GDP B . 3.88 -9.65 3.36
O1B GDP B . 3.46 -11.00 3.87
O2B GDP B . 2.92 -8.95 2.39
O3B GDP B . 4.57 -8.76 4.35
O3A GDP B . 5.18 -10.22 2.35
PA GDP B . 6.68 -10.17 2.73
O1A GDP B . 7.06 -11.08 3.87
O2A GDP B . 7.48 -8.93 2.51
O5' GDP B . 7.33 -11.08 1.41
C5' GDP B . 6.71 -12.22 1.02
C4' GDP B . 7.84 -13.06 0.26
O4' GDP B . 8.03 -12.52 -1.04
C3' GDP B . 9.22 -12.99 0.95
O3' GDP B . 9.84 -14.22 0.68
C2' GDP B . 9.96 -11.84 0.21
O2' GDP B . 11.33 -12.03 0.09
C1' GDP B . 9.36 -12.01 -1.21
N9 GDP B . 9.20 -10.71 -1.88
C8 GDP B . 8.58 -9.51 -1.39
N7 GDP B . 8.60 -8.51 -2.31
C5 GDP B . 9.25 -9.11 -3.43
C6 GDP B . 9.51 -8.50 -4.70
O6 GDP B . 9.28 -7.38 -5.11
N1 GDP B . 10.18 -9.39 -5.59
C2 GDP B . 10.52 -10.71 -5.24
N2 GDP B . 11.15 -11.48 -6.21
N3 GDP B . 10.27 -11.33 -4.04
C4 GDP B . 9.61 -10.45 -3.17
MG MG C . 4.65 -8.82 6.53
C1 7IZ D . -10.87 -4.56 9.91
C2 7IZ D . -10.88 -3.33 9.23
C3 7IZ D . -10.01 -3.09 8.20
C4 7IZ D . -9.06 -4.08 7.78
C5 7IZ D . -9.04 -5.30 8.51
C6 7IZ D . -9.95 -5.55 9.53
C12 7IZ D . -7.01 -8.97 7.36
C13 7IZ D . -8.14 -8.50 6.63
C15 7IZ D . -8.04 -10.31 5.19
C17 7IZ D . -6.46 -10.19 6.87
C25 7IZ D . -9.37 -13.29 3.35
C27 7IZ D . -11.58 -12.51 3.79
C29 7IZ D . -9.83 -12.65 2.03
C30 7IZ D . -10.93 -14.78 4.31
C10 7IZ D . -8.18 -3.70 6.73
C18 7IZ D . -6.58 -8.22 8.48
C20 7IZ D . -8.18 -6.59 8.20
C21 7IZ D . -8.70 -7.31 7.08
C24 7IZ D . -8.24 -12.43 3.99
C28 7IZ D . -11.36 -12.40 2.24
C32 7IZ D . -4.97 -12.17 6.80
C33 7IZ D . -3.93 -12.98 7.58
C35 7IZ D . -2.82 -10.70 7.64
C37 7IZ D . -4.17 -10.19 8.21
C7 7IZ D . -10.12 -1.82 7.58
C8 7IZ D . -9.26 -1.51 6.55
C9 7IZ D . -8.31 -2.44 6.13
F23 7IZ D . -9.76 -6.83 6.35
N14 7IZ D . -8.63 -9.16 5.57
N16 7IZ D . -7.00 -10.83 5.78
N19 7IZ D . -7.15 -7.06 8.88
N26 7IZ D . -10.49 -13.38 4.24
N31 7IZ D . -5.28 -10.91 7.49
N34 7IZ D . -2.70 -12.16 7.88
O22 7IZ D . -8.59 -11.02 4.06
CL1 7IZ D . -6.91 -4.83 6.16
C1 GOL E . -10.43 -9.01 -9.21
O1 GOL E . -10.77 -9.28 -10.55
C2 GOL E . -11.12 -7.69 -8.80
O2 GOL E . -12.41 -7.92 -8.39
C3 GOL E . -10.26 -7.13 -7.64
O3 GOL E . -10.57 -7.91 -6.53
#